data_7JL5
#
_entry.id   7JL5
#
_cell.length_a   93.494
_cell.length_b   93.494
_cell.length_c   63.646
_cell.angle_alpha   90.000
_cell.angle_beta   90.000
_cell.angle_gamma   90.000
#
_symmetry.space_group_name_H-M   'I 4'
#
loop_
_entity.id
_entity.type
_entity.pdbx_description
1 polymer 'Endonuclease 8-like 3'
2 non-polymer 'ZINC ION'
#
_entity_poly.entity_id   1
_entity_poly.type   'polypeptide(L)'
_entity_poly.pdbx_seq_one_letter_code
;SNGNPDSPRCSKHNRLCILRVVGKDGENKGRQFYACPLPREAQCGFFEWADLSFPFCNHGKRSTMKTVLKIGPNNGKNFF
VCPLGKEKQCNFFQWAENGPGIKIIPGC
;
_entity_poly.pdbx_strand_id   A,B
#
# COMPACT_ATOMS: atom_id res chain seq x y z
N PRO A 8 0.91 18.00 -3.32
CA PRO A 8 1.50 17.37 -4.52
C PRO A 8 0.83 17.80 -5.82
N ARG A 9 1.53 17.60 -6.94
CA ARG A 9 1.06 18.00 -8.24
C ARG A 9 1.23 16.84 -9.21
N CYS A 10 0.28 16.68 -10.14
CA CYS A 10 0.48 15.69 -11.18
C CYS A 10 1.74 16.03 -11.98
N SER A 11 2.19 15.06 -12.77
CA SER A 11 3.46 15.20 -13.48
C SER A 11 3.27 15.82 -14.86
N LYS A 12 2.31 15.31 -15.64
CA LYS A 12 2.04 15.87 -16.96
C LYS A 12 1.79 17.37 -16.85
N HIS A 13 0.85 17.77 -16.00
CA HIS A 13 0.61 19.17 -15.68
C HIS A 13 1.17 19.43 -14.29
N ASN A 14 1.81 20.58 -14.10
CA ASN A 14 2.40 20.90 -12.81
C ASN A 14 1.37 21.64 -11.94
N ARG A 15 0.25 20.98 -11.70
CA ARG A 15 -0.92 21.59 -11.08
C ARG A 15 -1.30 20.86 -9.79
N LEU A 16 -1.75 21.63 -8.81
CA LEU A 16 -2.03 21.10 -7.49
C LEU A 16 -3.20 20.11 -7.53
N CYS A 17 -2.98 18.92 -6.97
CA CYS A 17 -3.96 17.86 -7.03
C CYS A 17 -5.15 18.15 -6.15
N ILE A 18 -6.30 17.56 -6.51
CA ILE A 18 -7.46 17.56 -5.64
C ILE A 18 -7.45 16.28 -4.82
N LEU A 19 -8.17 16.32 -3.70
CA LEU A 19 -8.30 15.16 -2.81
C LEU A 19 -9.65 14.51 -3.07
N ARG A 20 -9.64 13.37 -3.74
CA ARG A 20 -10.87 12.63 -4.02
C ARG A 20 -10.99 11.45 -3.07
N VAL A 21 -12.21 10.92 -2.96
CA VAL A 21 -12.52 9.79 -2.10
C VAL A 21 -13.02 8.66 -2.99
N VAL A 22 -12.47 7.46 -2.79
CA VAL A 22 -12.91 6.30 -3.56
C VAL A 22 -14.36 5.99 -3.22
N GLY A 23 -15.28 6.47 -4.06
CA GLY A 23 -16.68 6.13 -3.90
C GLY A 23 -17.06 4.87 -4.63
N LYS A 24 -16.77 3.72 -4.02
CA LYS A 24 -17.02 2.43 -4.63
C LYS A 24 -17.05 1.37 -3.52
N ASP A 25 -17.17 0.12 -3.93
CA ASP A 25 -17.22 -1.00 -3.00
C ASP A 25 -15.88 -1.70 -2.95
N GLY A 26 -15.51 -2.19 -1.76
CA GLY A 26 -14.28 -2.91 -1.56
C GLY A 26 -13.68 -2.58 -0.22
N GLU A 27 -12.48 -3.10 0.03
CA GLU A 27 -11.75 -2.87 1.26
C GLU A 27 -11.04 -1.52 1.28
N ASN A 28 -11.48 -0.56 0.45
CA ASN A 28 -10.90 0.78 0.49
C ASN A 28 -11.92 1.87 0.18
N LYS A 29 -13.20 1.63 0.41
CA LYS A 29 -14.22 2.66 0.22
C LYS A 29 -14.03 3.76 1.26
N GLY A 30 -13.84 4.99 0.80
CA GLY A 30 -13.56 6.11 1.66
C GLY A 30 -12.12 6.56 1.68
N ARG A 31 -11.20 5.73 1.19
CA ARG A 31 -9.79 6.08 1.21
C ARG A 31 -9.53 7.26 0.27
N GLN A 32 -8.80 8.24 0.76
CA GLN A 32 -8.57 9.47 0.02
C GLN A 32 -7.31 9.36 -0.83
N PHE A 33 -7.34 10.05 -1.98
CA PHE A 33 -6.21 10.01 -2.90
C PHE A 33 -6.13 11.32 -3.67
N TYR A 34 -4.90 11.76 -3.93
CA TYR A 34 -4.65 12.92 -4.76
C TYR A 34 -4.78 12.54 -6.24
N ALA A 35 -5.48 13.40 -6.98
CA ALA A 35 -5.73 13.17 -8.40
C ALA A 35 -5.62 14.51 -9.14
N CYS A 36 -5.61 14.41 -10.46
CA CYS A 36 -5.46 15.58 -11.31
C CYS A 36 -6.60 16.56 -11.04
N PRO A 37 -6.33 17.87 -11.02
CA PRO A 37 -7.38 18.85 -10.70
C PRO A 37 -8.18 19.37 -11.87
N LEU A 38 -7.83 19.02 -13.10
CA LEU A 38 -8.49 19.57 -14.28
C LEU A 38 -9.84 18.89 -14.49
N PRO A 39 -10.67 19.41 -15.40
CA PRO A 39 -11.94 18.76 -15.72
C PRO A 39 -11.73 17.31 -16.13
N ARG A 40 -12.82 16.55 -16.10
CA ARG A 40 -12.74 15.12 -16.44
C ARG A 40 -12.02 14.91 -17.76
N GLU A 41 -12.18 15.81 -18.71
CA GLU A 41 -11.42 15.78 -19.96
C GLU A 41 -10.08 16.46 -19.76
N ALA A 42 -9.04 15.92 -20.41
CA ALA A 42 -7.69 16.44 -20.28
C ALA A 42 -7.06 16.00 -18.96
N GLN A 43 -7.89 15.60 -18.01
CA GLN A 43 -7.40 15.01 -16.77
C GLN A 43 -6.37 13.94 -17.06
N CYS A 44 -5.18 14.07 -16.49
CA CYS A 44 -4.20 13.00 -16.58
C CYS A 44 -4.60 11.87 -15.64
N GLY A 45 -3.93 10.73 -15.79
CA GLY A 45 -4.25 9.57 -14.99
C GLY A 45 -3.55 9.55 -13.65
N PHE A 46 -3.15 10.73 -13.15
CA PHE A 46 -2.43 10.80 -11.89
C PHE A 46 -3.26 10.18 -10.78
N PHE A 47 -2.57 9.52 -9.84
CA PHE A 47 -3.24 8.87 -8.72
C PHE A 47 -2.19 8.59 -7.65
N GLU A 48 -2.36 9.20 -6.47
CA GLU A 48 -1.42 8.96 -5.38
C GLU A 48 -2.17 8.88 -4.06
N TRP A 49 -2.08 7.74 -3.38
CA TRP A 49 -2.75 7.60 -2.10
C TRP A 49 -2.29 8.69 -1.13
N ALA A 50 -3.26 9.37 -0.52
CA ALA A 50 -2.95 10.53 0.31
C ALA A 50 -2.54 10.15 1.73
N ASP A 51 -3.04 9.03 2.24
CA ASP A 51 -2.92 8.72 3.66
C ASP A 51 -1.62 8.00 4.02
N LEU A 52 -0.70 7.84 3.07
CA LEU A 52 0.54 7.12 3.36
C LEU A 52 1.36 7.78 4.47
N SER A 53 1.09 9.05 4.78
CA SER A 53 1.78 9.75 5.86
C SER A 53 0.83 10.32 6.90
N PHE A 54 -0.44 9.93 6.87
CA PHE A 54 -1.39 10.39 7.87
C PHE A 54 -1.13 9.72 9.21
N PRO A 55 -1.55 10.34 10.31
CA PRO A 55 -1.43 9.67 11.62
C PRO A 55 -2.33 8.45 11.70
N PHE A 56 -2.11 7.67 12.76
CA PHE A 56 -2.92 6.51 13.06
C PHE A 56 -3.90 6.85 14.19
N CYS A 57 -5.17 6.50 14.01
CA CYS A 57 -6.14 6.69 15.07
C CYS A 57 -5.92 5.66 16.16
N ASN A 58 -6.74 5.72 17.21
CA ASN A 58 -6.54 4.85 18.36
C ASN A 58 -6.89 3.40 18.07
N HIS A 59 -7.53 3.11 16.94
CA HIS A 59 -7.74 1.73 16.52
C HIS A 59 -6.49 1.10 15.91
N GLY A 60 -5.49 1.90 15.59
CA GLY A 60 -4.37 1.44 14.79
C GLY A 60 -4.55 1.60 13.31
N LYS A 61 -5.63 2.27 12.87
CA LYS A 61 -5.93 2.45 11.47
C LYS A 61 -5.54 3.85 11.00
N ARG A 62 -5.29 3.98 9.70
CA ARG A 62 -4.96 5.27 9.14
C ARG A 62 -6.12 6.23 9.31
N SER A 63 -5.83 7.42 9.83
CA SER A 63 -6.88 8.41 10.02
C SER A 63 -7.30 9.02 8.68
N THR A 64 -8.46 9.68 8.70
CA THR A 64 -9.01 10.38 7.55
C THR A 64 -8.90 11.88 7.78
N MET A 65 -8.65 12.61 6.70
CA MET A 65 -8.44 14.06 6.76
C MET A 65 -9.75 14.78 6.46
N LYS A 66 -10.05 15.79 7.28
CA LYS A 66 -11.21 16.65 7.10
C LYS A 66 -10.76 18.10 7.06
N THR A 67 -11.64 18.96 6.56
CA THR A 67 -11.42 20.39 6.55
C THR A 67 -12.54 21.11 7.28
N VAL A 68 -12.25 22.31 7.76
CA VAL A 68 -13.21 23.11 8.50
C VAL A 68 -14.13 23.82 7.52
N LEU A 69 -15.44 23.66 7.70
CA LEU A 69 -16.43 24.28 6.84
C LEU A 69 -17.33 25.23 7.63
N ILE A 71 -15.62 29.30 9.20
CA ILE A 71 -16.29 30.57 9.42
C ILE A 71 -15.50 31.44 10.40
N GLY A 72 -14.81 30.79 11.33
CA GLY A 72 -14.01 31.49 12.30
C GLY A 72 -12.57 31.64 11.86
N PRO A 73 -11.66 31.83 12.83
CA PRO A 73 -10.25 31.99 12.45
C PRO A 73 -9.63 30.72 11.89
N ASN A 74 -9.94 29.56 12.48
CA ASN A 74 -9.40 28.29 12.00
C ASN A 74 -10.18 27.73 10.84
N ASN A 75 -10.78 28.59 10.02
CA ASN A 75 -11.51 28.14 8.84
C ASN A 75 -10.54 27.72 7.75
N GLY A 76 -10.78 26.55 7.17
CA GLY A 76 -9.95 26.04 6.10
C GLY A 76 -8.85 25.09 6.53
N LYS A 77 -8.55 25.01 7.83
CA LYS A 77 -7.51 24.11 8.30
C LYS A 77 -7.95 22.66 8.14
N ASN A 78 -6.98 21.76 8.21
CA ASN A 78 -7.20 20.34 8.07
C ASN A 78 -6.95 19.64 9.40
N PHE A 79 -7.69 18.57 9.66
CA PHE A 79 -7.49 17.76 10.85
C PHE A 79 -7.70 16.29 10.49
N PHE A 80 -7.40 15.42 11.45
CA PHE A 80 -7.46 13.97 11.26
C PHE A 80 -8.39 13.34 12.28
N VAL A 81 -9.17 12.35 11.83
CA VAL A 81 -10.15 11.68 12.67
C VAL A 81 -10.15 10.19 12.34
N CYS A 82 -10.86 9.43 13.18
CA CYS A 82 -11.04 8.01 12.94
C CYS A 82 -11.95 7.69 11.75
N PRO A 83 -11.48 6.83 10.82
CA PRO A 83 -12.27 6.62 9.59
C PRO A 83 -13.37 5.58 9.57
N LEU A 84 -14.09 5.38 10.68
CA LEU A 84 -14.96 4.22 10.80
C LEU A 84 -16.44 4.51 10.83
N GLY A 85 -16.85 5.77 10.94
CA GLY A 85 -18.26 6.08 11.07
C GLY A 85 -18.62 6.43 12.49
N LYS A 86 -19.47 7.45 12.66
CA LYS A 86 -19.68 8.04 13.99
C LYS A 86 -19.94 6.99 15.06
N GLU A 87 -20.75 5.97 14.73
CA GLU A 87 -21.15 5.01 15.75
C GLU A 87 -19.94 4.25 16.31
N LYS A 88 -18.94 3.97 15.48
CA LYS A 88 -17.80 3.16 15.90
C LYS A 88 -16.48 3.92 15.89
N GLN A 89 -16.52 5.24 15.70
CA GLN A 89 -15.29 6.03 15.71
C GLN A 89 -14.63 5.98 17.08
N CYS A 90 -13.30 5.92 17.10
CA CYS A 90 -12.56 6.16 18.32
C CYS A 90 -12.54 7.68 18.58
N ASN A 91 -11.74 8.12 19.54
CA ASN A 91 -11.73 9.52 19.95
C ASN A 91 -10.54 10.29 19.42
N PHE A 92 -9.82 9.74 18.44
CA PHE A 92 -8.61 10.38 17.94
C PHE A 92 -8.94 11.66 17.20
N PHE A 93 -8.19 12.72 17.50
CA PHE A 93 -8.26 13.97 16.76
C PHE A 93 -6.87 14.59 16.76
N GLN A 94 -6.50 15.23 15.64
CA GLN A 94 -5.18 15.82 15.51
C GLN A 94 -5.21 16.87 14.41
N TRP A 95 -4.75 18.08 14.72
CA TRP A 95 -4.60 19.11 13.70
C TRP A 95 -3.47 18.74 12.74
N ALA A 96 -3.67 19.07 11.46
CA ALA A 96 -2.65 18.83 10.45
C ALA A 96 -1.52 19.85 10.61
N ASP B 6 18.87 -21.35 5.98
CA ASP B 6 18.27 -20.04 5.78
C ASP B 6 17.75 -19.90 4.35
N SER B 7 18.63 -20.17 3.38
CA SER B 7 18.27 -20.15 1.98
C SER B 7 18.31 -21.58 1.45
N PRO B 8 17.20 -22.11 0.93
CA PRO B 8 17.14 -23.56 0.68
C PRO B 8 17.98 -23.99 -0.52
N ARG B 9 18.09 -25.30 -0.64
CA ARG B 9 18.67 -25.98 -1.78
C ARG B 9 17.58 -26.77 -2.50
N CYS B 10 17.80 -27.02 -3.78
CA CYS B 10 16.85 -27.83 -4.54
C CYS B 10 16.98 -29.30 -4.12
N SER B 11 16.01 -30.11 -4.55
CA SER B 11 15.97 -31.50 -4.17
C SER B 11 16.69 -32.39 -5.17
N LYS B 12 16.45 -32.18 -6.46
CA LYS B 12 17.14 -32.99 -7.49
C LYS B 12 18.63 -32.73 -7.45
N HIS B 13 19.03 -31.46 -7.51
CA HIS B 13 20.40 -31.05 -7.24
C HIS B 13 20.46 -30.44 -5.85
N ASN B 14 21.67 -30.36 -5.29
CA ASN B 14 21.82 -29.78 -3.96
C ASN B 14 22.43 -28.39 -4.04
N ARG B 15 21.83 -27.52 -4.85
CA ARG B 15 22.37 -26.21 -5.16
C ARG B 15 21.53 -25.11 -4.54
N LEU B 16 22.19 -24.05 -4.06
CA LEU B 16 21.49 -22.96 -3.43
C LEU B 16 20.50 -22.32 -4.42
N CYS B 17 19.25 -22.23 -4.00
CA CYS B 17 18.21 -21.66 -4.86
C CYS B 17 18.40 -20.15 -4.99
N ILE B 18 17.77 -19.59 -6.03
CA ILE B 18 17.76 -18.16 -6.23
C ILE B 18 16.33 -17.65 -6.09
N LEU B 19 16.21 -16.37 -5.76
CA LEU B 19 14.97 -15.77 -5.29
C LEU B 19 14.31 -15.04 -6.46
N ARG B 20 13.44 -15.75 -7.16
CA ARG B 20 12.67 -15.15 -8.24
C ARG B 20 11.46 -14.41 -7.66
N VAL B 21 10.89 -13.52 -8.48
CA VAL B 21 9.72 -12.73 -8.10
C VAL B 21 8.67 -13.11 -9.13
N VAL B 22 7.44 -13.32 -8.67
CA VAL B 22 6.34 -13.67 -9.56
C VAL B 22 6.00 -12.40 -10.33
N GLY B 23 6.68 -12.20 -11.45
CA GLY B 23 6.48 -11.00 -12.25
C GLY B 23 5.34 -11.12 -13.25
N LYS B 24 4.44 -12.07 -13.02
CA LYS B 24 3.31 -12.26 -13.93
C LYS B 24 2.14 -11.37 -13.54
N ASP B 25 0.92 -11.85 -13.78
CA ASP B 25 -0.29 -11.10 -13.46
C ASP B 25 -1.35 -12.08 -12.99
N GLY B 26 -1.88 -11.85 -11.79
CA GLY B 26 -2.90 -12.72 -11.24
C GLY B 26 -2.99 -12.55 -9.73
N GLU B 27 -3.39 -13.63 -9.07
CA GLU B 27 -3.49 -13.64 -7.62
C GLU B 27 -2.15 -13.89 -6.92
N ASN B 28 -1.06 -14.01 -7.70
CA ASN B 28 0.26 -14.27 -7.13
C ASN B 28 1.32 -13.29 -7.63
N LYS B 29 0.95 -12.30 -8.44
CA LYS B 29 1.93 -11.34 -8.93
C LYS B 29 2.55 -10.57 -7.78
N GLY B 30 3.86 -10.29 -7.89
CA GLY B 30 4.58 -9.56 -6.89
C GLY B 30 5.21 -10.40 -5.80
N ARG B 31 4.84 -11.67 -5.68
CA ARG B 31 5.39 -12.53 -4.64
C ARG B 31 6.82 -12.95 -4.99
N GLN B 32 7.53 -13.43 -3.98
CA GLN B 32 8.90 -13.91 -4.13
C GLN B 32 8.99 -15.36 -3.68
N PHE B 33 9.84 -16.13 -4.35
CA PHE B 33 9.99 -17.55 -4.06
C PHE B 33 11.38 -18.03 -4.47
N TYR B 34 11.85 -19.04 -3.76
CA TYR B 34 13.09 -19.71 -4.14
C TYR B 34 12.82 -20.76 -5.19
N ALA B 35 13.69 -20.82 -6.19
CA ALA B 35 13.63 -21.82 -7.25
C ALA B 35 15.04 -22.29 -7.58
N CYS B 36 15.11 -23.39 -8.33
CA CYS B 36 16.39 -23.94 -8.74
C CYS B 36 17.20 -22.88 -9.49
N PRO B 37 18.52 -22.81 -9.27
CA PRO B 37 19.31 -21.76 -9.93
C PRO B 37 19.73 -22.08 -11.35
N LEU B 38 19.52 -23.30 -11.84
CA LEU B 38 20.01 -23.72 -13.14
C LEU B 38 19.15 -23.13 -14.25
N PRO B 39 19.62 -23.17 -15.50
CA PRO B 39 18.80 -22.71 -16.62
C PRO B 39 17.53 -23.54 -16.76
N ARG B 40 16.57 -22.97 -17.49
CA ARG B 40 15.25 -23.60 -17.59
C ARG B 40 15.35 -25.06 -18.04
N GLU B 41 16.20 -25.34 -19.03
CA GLU B 41 16.28 -26.69 -19.59
C GLU B 41 16.77 -27.72 -18.59
N ALA B 42 17.30 -27.31 -17.45
CA ALA B 42 17.84 -28.25 -16.47
C ALA B 42 17.41 -27.90 -15.05
N GLN B 43 16.26 -27.25 -14.89
CA GLN B 43 15.72 -26.95 -13.57
C GLN B 43 15.00 -28.16 -13.01
N CYS B 44 15.02 -28.29 -11.68
CA CYS B 44 14.45 -29.44 -11.00
C CYS B 44 13.03 -29.19 -10.50
N GLY B 45 12.43 -28.06 -10.85
CA GLY B 45 11.09 -27.77 -10.41
C GLY B 45 10.92 -27.49 -8.93
N PHE B 46 12.00 -27.48 -8.16
CA PHE B 46 11.90 -27.08 -6.76
C PHE B 46 11.32 -25.68 -6.66
N PHE B 47 10.47 -25.47 -5.66
CA PHE B 47 9.79 -24.19 -5.50
C PHE B 47 9.41 -24.04 -4.03
N GLU B 48 9.72 -22.87 -3.46
CA GLU B 48 9.28 -22.58 -2.10
C GLU B 48 8.96 -21.10 -1.97
N TRP B 49 7.71 -20.76 -1.68
CA TRP B 49 7.36 -19.38 -1.37
C TRP B 49 8.28 -18.84 -0.28
N ALA B 50 8.83 -17.66 -0.51
CA ALA B 50 9.74 -17.03 0.43
C ALA B 50 9.08 -15.94 1.26
N ASP B 51 7.75 -15.85 1.21
CA ASP B 51 7.03 -14.76 1.88
C ASP B 51 5.90 -15.29 2.77
N LEU B 52 5.99 -16.54 3.22
CA LEU B 52 4.89 -17.12 3.99
C LEU B 52 4.85 -16.64 5.43
N SER B 53 5.91 -16.04 5.93
CA SER B 53 5.86 -15.40 7.25
C SER B 53 5.30 -13.97 7.17
N PHE B 54 4.85 -13.53 5.99
CA PHE B 54 4.33 -12.18 5.83
C PHE B 54 2.88 -12.12 6.30
N PRO B 55 2.46 -10.96 6.82
CA PRO B 55 1.05 -10.81 7.20
C PRO B 55 0.15 -10.61 5.99
N PHE B 56 -1.14 -10.89 6.19
CA PHE B 56 -2.14 -10.64 5.17
C PHE B 56 -2.68 -9.22 5.32
N CYS B 57 -3.17 -8.66 4.21
CA CYS B 57 -3.77 -7.34 4.21
C CYS B 57 -5.28 -7.46 4.41
N ASN B 58 -5.96 -6.31 4.42
CA ASN B 58 -7.39 -6.30 4.68
C ASN B 58 -8.18 -6.99 3.59
N HIS B 59 -7.64 -7.07 2.36
CA HIS B 59 -8.31 -7.84 1.32
C HIS B 59 -8.29 -9.33 1.61
N GLY B 60 -7.32 -9.80 2.40
CA GLY B 60 -7.12 -11.21 2.64
C GLY B 60 -5.96 -11.81 1.88
N LYS B 61 -5.29 -11.03 1.03
CA LYS B 61 -4.17 -11.51 0.24
C LYS B 61 -2.85 -11.31 1.00
N ARG B 62 -1.82 -12.01 0.52
CA ARG B 62 -0.51 -11.98 1.16
C ARG B 62 0.17 -10.64 0.87
N SER B 63 0.65 -9.99 1.92
CA SER B 63 1.20 -8.65 1.78
C SER B 63 2.56 -8.67 1.10
N THR B 64 2.94 -7.52 0.54
CA THR B 64 4.25 -7.30 -0.05
C THR B 64 5.06 -6.39 0.86
N MET B 65 6.39 -6.59 0.84
CA MET B 65 7.29 -5.86 1.73
C MET B 65 7.87 -4.64 1.02
N LYS B 66 8.08 -3.58 1.80
CA LYS B 66 8.73 -2.38 1.31
C LYS B 66 9.90 -1.98 2.21
N THR B 67 10.47 -0.80 1.98
CA THR B 67 11.57 -0.29 2.78
C THR B 67 11.33 1.19 3.04
N VAL B 68 11.47 1.60 4.27
CA VAL B 68 11.12 2.96 4.58
C VAL B 68 12.12 4.04 4.22
N LYS B 70 13.00 7.26 4.12
CA LYS B 70 12.59 8.60 3.70
C LYS B 70 13.04 9.66 4.70
N ILE B 71 14.33 9.67 5.00
CA ILE B 71 14.92 10.62 5.94
C ILE B 71 14.15 10.67 7.26
N GLY B 72 14.16 9.57 7.99
CA GLY B 72 13.46 9.49 9.26
C GLY B 72 14.36 8.97 10.38
N ASN B 74 13.14 5.97 11.24
CA ASN B 74 12.76 4.66 10.76
C ASN B 74 13.18 4.67 9.31
N ASN B 75 14.44 4.95 9.05
CA ASN B 75 14.92 5.15 7.69
C ASN B 75 15.29 3.84 7.00
N GLY B 76 15.86 2.89 7.73
CA GLY B 76 16.29 1.64 7.11
C GLY B 76 15.50 0.43 7.54
N LYS B 77 14.18 0.57 7.68
CA LYS B 77 13.33 -0.49 8.17
C LYS B 77 12.31 -0.90 7.12
N ASN B 78 11.87 -2.15 7.19
CA ASN B 78 10.93 -2.72 6.25
C ASN B 78 9.51 -2.68 6.81
N PHE B 79 8.54 -2.83 5.91
CA PHE B 79 7.14 -2.85 6.30
C PHE B 79 6.35 -3.54 5.19
N PHE B 80 5.10 -3.88 5.50
CA PHE B 80 4.23 -4.59 4.59
C PHE B 80 3.04 -3.72 4.19
N VAL B 81 2.50 -4.00 2.99
CA VAL B 81 1.41 -3.23 2.41
C VAL B 81 0.59 -4.14 1.49
N CYS B 82 -0.59 -3.65 1.11
CA CYS B 82 -1.45 -4.37 0.18
C CYS B 82 -0.69 -4.64 -1.12
N PRO B 83 -0.94 -5.79 -1.78
CA PRO B 83 -0.13 -6.12 -2.97
C PRO B 83 -0.84 -5.97 -4.31
N LEU B 84 -1.95 -5.25 -4.35
CA LEU B 84 -2.89 -5.37 -5.46
C LEU B 84 -2.72 -4.35 -6.58
N GLY B 85 -1.76 -3.44 -6.47
CA GLY B 85 -1.72 -2.40 -7.49
C GLY B 85 -2.53 -1.17 -7.08
N LYS B 86 -2.03 -0.01 -7.50
CA LYS B 86 -2.40 1.26 -6.88
C LYS B 86 -3.91 1.38 -6.63
N GLU B 87 -4.70 1.38 -7.71
CA GLU B 87 -6.10 1.81 -7.58
C GLU B 87 -6.88 0.94 -6.61
N LYS B 88 -6.46 -0.31 -6.40
CA LYS B 88 -7.23 -1.25 -5.60
C LYS B 88 -6.64 -1.48 -4.21
N GLN B 89 -5.49 -0.88 -3.90
CA GLN B 89 -4.84 -1.17 -2.64
C GLN B 89 -5.73 -0.80 -1.45
N CYS B 90 -5.61 -1.59 -0.37
CA CYS B 90 -6.26 -1.26 0.89
C CYS B 90 -5.27 -0.47 1.75
N ASN B 91 -5.64 -0.20 2.99
CA ASN B 91 -4.89 0.67 3.88
C ASN B 91 -3.78 -0.04 4.66
N PHE B 92 -3.63 -1.35 4.47
CA PHE B 92 -2.81 -2.14 5.39
C PHE B 92 -1.39 -1.60 5.50
N PHE B 93 -0.90 -1.55 6.74
CA PHE B 93 0.49 -1.23 7.04
C PHE B 93 0.91 -2.01 8.28
N GLN B 94 2.10 -2.60 8.22
CA GLN B 94 2.67 -3.27 9.39
C GLN B 94 4.19 -3.25 9.29
N TRP B 95 4.85 -3.08 10.43
CA TRP B 95 6.30 -3.10 10.46
C TRP B 95 6.82 -4.53 10.33
N ALA B 96 7.99 -4.66 9.71
CA ALA B 96 8.57 -5.97 9.43
C ALA B 96 8.88 -6.71 10.72
N GLU B 97 9.85 -6.23 11.48
CA GLU B 97 10.27 -6.92 12.70
C GLU B 97 9.46 -6.45 13.90
#